data_1WMS
#
_entry.id   1WMS
#
_cell.length_a   38.400
_cell.length_b   45.620
_cell.length_c   51.220
_cell.angle_alpha   99.75
_cell.angle_beta   107.17
_cell.angle_gamma   101.84
#
_symmetry.space_group_name_H-M   'P 1'
#
loop_
_entity.id
_entity.type
_entity.pdbx_description
1 polymer 'Ras-related protein Rab-9A'
2 non-polymer "GUANOSINE-5'-DIPHOSPHATE"
3 water water
#
_entity_poly.entity_id   1
_entity_poly.type   'polypeptide(L)'
_entity_poly.pdbx_seq_one_letter_code
;MAGKSSLFKVILLGDGGVGKSSLMNRYVTNKFDTQLFHTIGVEFLNKDLEVDGHFVTMQIWDTAGQERFRSLRTPFYRGS
DCCLLTFSVDDSQSFQNLSNWKKEFIYYADVKEPESFPFVILGNKIDISERQVSTEEAQAWCRDNGDYPYFETSAKDATN
VAAAFEEAVRRVLATED
;
_entity_poly.pdbx_strand_id   A,B
#
loop_
_chem_comp.id
_chem_comp.type
_chem_comp.name
_chem_comp.formula
GDP RNA linking GUANOSINE-5'-DIPHOSPHATE 'C10 H15 N5 O11 P2'
#
# COMPACT_ATOMS: atom_id res chain seq x y z
N ALA A 2 14.80 -19.23 -17.22
CA ALA A 2 15.08 -17.80 -17.09
C ALA A 2 15.93 -17.55 -15.85
N GLY A 3 16.67 -16.44 -15.84
CA GLY A 3 17.49 -16.04 -14.71
C GLY A 3 16.73 -15.73 -13.45
N LYS A 4 16.82 -16.61 -12.45
CA LYS A 4 16.07 -16.33 -11.22
C LYS A 4 16.68 -15.17 -10.40
N SER A 5 15.80 -14.65 -9.57
CA SER A 5 15.70 -13.50 -8.71
C SER A 5 15.08 -13.84 -7.36
N SER A 6 15.70 -13.35 -6.31
CA SER A 6 15.08 -13.56 -4.99
C SER A 6 14.31 -12.35 -4.50
N LEU A 7 13.29 -12.52 -3.67
CA LEU A 7 12.41 -11.43 -3.20
C LEU A 7 12.68 -11.16 -1.71
N PHE A 8 13.08 -9.95 -1.38
CA PHE A 8 13.39 -9.56 -0.01
C PHE A 8 12.33 -8.54 0.42
N LYS A 9 11.72 -8.76 1.57
CA LYS A 9 10.73 -7.85 2.14
C LYS A 9 11.39 -6.95 3.18
N VAL A 10 11.31 -5.63 2.97
CA VAL A 10 11.88 -4.65 3.92
C VAL A 10 10.75 -3.78 4.42
N ILE A 11 10.76 -3.48 5.70
CA ILE A 11 9.74 -2.62 6.25
C ILE A 11 10.37 -1.36 6.83
N LEU A 12 9.71 -0.23 6.63
CA LEU A 12 10.07 1.05 7.15
C LEU A 12 9.17 1.35 8.31
N LEU A 13 9.77 1.67 9.46
CA LEU A 13 9.03 2.07 10.65
C LEU A 13 9.60 3.37 11.19
N GLY A 14 8.78 4.17 11.83
CA GLY A 14 9.23 5.41 12.44
C GLY A 14 8.09 6.37 12.60
N ASP A 15 8.29 7.42 13.37
CA ASP A 15 7.23 8.34 13.67
C ASP A 15 6.66 8.98 12.40
N GLY A 16 5.40 9.37 12.50
CA GLY A 16 4.81 10.15 11.43
C GLY A 16 5.64 11.40 11.10
N GLY A 17 5.82 11.63 9.81
CA GLY A 17 6.48 12.83 9.36
C GLY A 17 7.96 12.72 9.18
N VAL A 18 8.58 11.63 9.52
CA VAL A 18 10.04 11.55 9.43
C VAL A 18 10.53 11.38 8.00
N GLY A 19 9.66 10.95 7.09
CA GLY A 19 10.06 10.86 5.70
C GLY A 19 10.00 9.47 5.15
N LYS A 20 9.32 8.52 5.75
CA LYS A 20 9.27 7.14 5.27
C LYS A 20 8.72 7.03 3.86
N SER A 21 7.56 7.61 3.62
CA SER A 21 6.99 7.55 2.30
C SER A 21 7.90 8.20 1.28
N SER A 22 8.42 9.36 1.62
CA SER A 22 9.30 10.10 0.73
C SER A 22 10.56 9.29 0.42
N LEU A 23 11.12 8.60 1.36
CA LEU A 23 12.31 7.79 1.14
C LEU A 23 12.05 6.66 0.17
N MET A 24 10.94 5.95 0.41
CA MET A 24 10.63 4.89 -0.52
C MET A 24 10.36 5.38 -1.93
N ASN A 25 9.61 6.48 -2.01
CA ASN A 25 9.29 7.03 -3.32
C ASN A 25 10.55 7.51 -4.01
N ARG A 26 11.45 8.15 -3.25
CA ARG A 26 12.71 8.61 -3.84
C ARG A 26 13.51 7.44 -4.39
N TYR A 27 13.63 6.37 -3.60
CA TYR A 27 14.41 5.22 -4.01
C TYR A 27 13.86 4.61 -5.28
N VAL A 28 12.55 4.40 -5.33
CA VAL A 28 11.92 3.67 -6.42
C VAL A 28 11.72 4.54 -7.64
N THR A 29 11.36 5.81 -7.51
CA THR A 29 11.01 6.63 -8.66
C THR A 29 11.99 7.77 -8.95
N ASN A 30 12.96 8.01 -8.08
CA ASN A 30 13.93 9.07 -8.14
C ASN A 30 13.34 10.47 -8.19
N LYS A 31 12.21 10.65 -7.53
CA LYS A 31 11.48 11.91 -7.46
C LYS A 31 11.18 12.24 -5.99
N PHE A 32 11.07 13.53 -5.70
CA PHE A 32 10.60 14.03 -4.44
C PHE A 32 9.65 15.19 -4.73
N ASP A 33 8.51 15.20 -4.07
CA ASP A 33 7.61 16.34 -4.21
C ASP A 33 6.78 16.46 -2.95
N THR A 34 6.88 17.55 -2.19
CA THR A 34 5.99 17.70 -1.04
C THR A 34 4.57 18.04 -1.51
N THR A 39 -0.82 6.23 0.69
CA THR A 39 -0.32 7.31 1.53
C THR A 39 -1.11 7.51 2.81
N ILE A 40 -2.37 7.10 2.91
CA ILE A 40 -3.15 7.15 4.14
C ILE A 40 -3.13 5.78 4.82
N GLY A 41 -3.00 4.72 4.05
CA GLY A 41 -2.98 3.36 4.57
C GLY A 41 -1.65 2.71 4.31
N VAL A 42 -1.64 1.41 4.37
CA VAL A 42 -0.42 0.68 4.07
C VAL A 42 -0.14 0.72 2.59
N GLU A 43 1.14 0.87 2.24
CA GLU A 43 1.59 0.88 0.87
C GLU A 43 2.87 0.04 0.73
N PHE A 44 2.99 -0.65 -0.37
CA PHE A 44 4.30 -1.29 -0.62
C PHE A 44 4.66 -1.19 -2.08
N LEU A 45 5.96 -1.07 -2.35
CA LEU A 45 6.56 -0.82 -3.65
C LEU A 45 7.65 -1.87 -3.91
N ASN A 46 7.92 -2.19 -5.15
CA ASN A 46 8.95 -3.15 -5.55
C ASN A 46 10.06 -2.44 -6.34
N LYS A 47 11.29 -2.95 -6.19
CA LYS A 47 12.43 -2.43 -6.91
C LYS A 47 13.41 -3.56 -7.21
N ASP A 48 13.85 -3.63 -8.47
CA ASP A 48 14.86 -4.57 -8.86
C ASP A 48 16.26 -4.07 -8.52
N LEU A 49 17.11 -4.97 -8.05
CA LEU A 49 18.52 -4.58 -7.90
C LEU A 49 19.32 -5.85 -8.10
N GLU A 50 20.62 -5.81 -7.82
CA GLU A 50 21.49 -6.92 -8.08
C GLU A 50 22.56 -6.95 -7.00
N VAL A 51 22.86 -8.15 -6.49
CA VAL A 51 23.82 -8.31 -5.42
C VAL A 51 24.73 -9.48 -5.77
N ASP A 52 26.06 -9.23 -5.78
CA ASP A 52 27.02 -10.25 -6.17
C ASP A 52 26.70 -10.93 -7.47
N GLY A 53 26.16 -10.17 -8.42
CA GLY A 53 25.83 -10.69 -9.74
C GLY A 53 24.54 -11.45 -9.83
N HIS A 54 23.77 -11.45 -8.73
CA HIS A 54 22.50 -12.14 -8.70
C HIS A 54 21.35 -11.14 -8.74
N PHE A 55 20.37 -11.40 -9.61
CA PHE A 55 19.19 -10.56 -9.62
C PHE A 55 18.37 -10.74 -8.36
N VAL A 56 17.94 -9.59 -7.83
CA VAL A 56 17.04 -9.69 -6.67
C VAL A 56 15.97 -8.60 -6.82
N THR A 57 14.90 -8.77 -6.07
CA THR A 57 13.84 -7.77 -6.01
C THR A 57 13.57 -7.45 -4.53
N MET A 58 13.45 -6.17 -4.17
CA MET A 58 13.11 -5.73 -2.85
C MET A 58 11.66 -5.23 -2.86
N GLN A 59 10.91 -5.61 -1.85
CA GLN A 59 9.56 -5.11 -1.67
C GLN A 59 9.54 -4.33 -0.34
N ILE A 60 9.29 -3.03 -0.48
CA ILE A 60 9.41 -2.08 0.59
C ILE A 60 8.03 -1.73 1.08
N TRP A 61 7.77 -1.97 2.36
CA TRP A 61 6.51 -1.71 3.02
C TRP A 61 6.55 -0.53 3.95
N ASP A 62 5.55 0.30 3.82
CA ASP A 62 5.32 1.39 4.73
C ASP A 62 3.97 1.05 5.39
N THR A 63 4.09 0.59 6.62
CA THR A 63 2.89 0.04 7.27
C THR A 63 2.13 1.00 8.15
N ALA A 64 2.56 2.25 8.16
CA ALA A 64 1.93 3.35 8.83
C ALA A 64 0.62 3.73 8.14
N GLY A 65 -0.39 2.90 8.11
CA GLY A 65 -1.70 3.42 7.70
C GLY A 65 -2.27 4.39 8.73
N GLN A 66 -3.51 4.21 9.13
CA GLN A 66 -4.35 4.94 10.05
C GLN A 66 -4.17 4.56 11.51
N GLU A 67 -3.82 5.44 12.44
CA GLU A 67 -3.57 4.95 13.81
C GLU A 67 -4.76 4.23 14.45
N ARG A 68 -6.01 4.63 14.21
CA ARG A 68 -7.07 3.85 14.86
C ARG A 68 -7.11 2.42 14.37
N PHE A 69 -6.50 2.11 13.25
CA PHE A 69 -6.47 0.76 12.70
C PHE A 69 -5.10 0.07 12.85
N ARG A 70 -4.29 0.53 13.82
CA ARG A 70 -2.97 -0.08 14.01
C ARG A 70 -3.02 -1.59 14.18
N SER A 71 -4.06 -2.16 14.79
CA SER A 71 -4.11 -3.60 14.97
C SER A 71 -4.21 -4.34 13.67
N LEU A 72 -4.65 -3.67 12.63
CA LEU A 72 -4.81 -4.29 11.32
C LEU A 72 -3.58 -4.16 10.47
N ARG A 73 -2.59 -3.38 10.93
CA ARG A 73 -1.39 -3.19 10.16
C ARG A 73 -0.32 -4.16 10.63
N THR A 74 -0.27 -4.52 11.91
CA THR A 74 0.81 -5.39 12.41
C THR A 74 0.79 -6.78 11.82
N PRO A 75 -0.29 -7.41 11.33
CA PRO A 75 -0.12 -8.69 10.63
C PRO A 75 0.88 -8.63 9.48
N PHE A 76 1.07 -7.45 8.90
CA PHE A 76 1.92 -7.27 7.73
C PHE A 76 3.38 -7.09 8.10
N TYR A 77 3.68 -7.04 9.37
CA TYR A 77 5.09 -7.10 9.82
C TYR A 77 5.72 -8.46 9.52
N ARG A 78 4.97 -9.52 9.68
CA ARG A 78 5.48 -10.89 9.58
C ARG A 78 6.04 -11.11 8.19
N GLY A 79 7.16 -11.83 8.14
CA GLY A 79 7.80 -12.15 6.90
C GLY A 79 8.75 -11.08 6.43
N SER A 80 8.85 -9.99 7.17
CA SER A 80 9.88 -8.99 6.90
C SER A 80 11.28 -9.57 7.13
N ASP A 81 12.17 -9.28 6.20
CA ASP A 81 13.55 -9.76 6.29
C ASP A 81 14.49 -8.75 6.91
N CYS A 82 14.17 -7.46 6.86
CA CYS A 82 14.96 -6.41 7.44
C CYS A 82 14.01 -5.27 7.83
N CYS A 83 14.34 -4.54 8.86
CA CYS A 83 13.50 -3.42 9.29
C CYS A 83 14.35 -2.17 9.28
N LEU A 84 13.92 -1.13 8.64
CA LEU A 84 14.58 0.18 8.59
C LEU A 84 13.87 1.13 9.53
N LEU A 85 14.51 1.43 10.62
CA LEU A 85 13.97 2.30 11.64
C LEU A 85 14.40 3.74 11.28
N THR A 86 13.47 4.61 11.11
CA THR A 86 13.69 5.93 10.59
C THR A 86 13.32 7.03 11.57
N PHE A 87 14.20 8.01 11.68
CA PHE A 87 13.88 9.21 12.45
C PHE A 87 14.28 10.40 11.59
N SER A 88 13.98 11.61 11.99
CA SER A 88 14.36 12.82 11.31
C SER A 88 15.36 13.58 12.17
N VAL A 89 16.47 14.06 11.63
CA VAL A 89 17.49 14.70 12.42
C VAL A 89 17.07 16.06 12.97
N ASP A 90 15.99 16.62 12.50
CA ASP A 90 15.40 17.84 13.03
C ASP A 90 14.39 17.59 14.13
N ASP A 91 14.25 16.33 14.59
CA ASP A 91 13.19 15.94 15.53
C ASP A 91 13.70 14.94 16.52
N SER A 92 14.15 15.45 17.67
CA SER A 92 14.72 14.58 18.69
C SER A 92 13.66 13.61 19.18
N GLN A 93 12.38 13.95 19.21
CA GLN A 93 11.38 13.03 19.69
C GLN A 93 11.36 11.78 18.80
N SER A 94 11.49 11.97 17.49
CA SER A 94 11.45 10.81 16.59
C SER A 94 12.65 9.90 16.82
N PHE A 95 13.80 10.47 17.16
CA PHE A 95 15.00 9.72 17.52
C PHE A 95 14.82 8.96 18.82
N GLN A 96 14.25 9.62 19.83
CA GLN A 96 14.02 8.98 21.13
C GLN A 96 13.07 7.78 21.02
N ASN A 97 12.20 7.81 20.01
CA ASN A 97 11.31 6.69 19.81
C ASN A 97 11.81 5.48 19.09
N LEU A 98 13.10 5.50 18.67
CA LEU A 98 13.59 4.32 17.94
C LEU A 98 13.49 3.03 18.73
N SER A 99 13.84 3.08 20.02
CA SER A 99 13.79 1.87 20.82
C SER A 99 12.40 1.27 20.86
N ASN A 100 11.42 2.14 21.04
CA ASN A 100 10.04 1.65 21.05
C ASN A 100 9.58 1.10 19.73
N TRP A 101 10.04 1.66 18.63
CA TRP A 101 9.76 1.08 17.32
C TRP A 101 10.39 -0.31 17.16
N LYS A 102 11.62 -0.45 17.66
CA LYS A 102 12.29 -1.74 17.60
C LYS A 102 11.48 -2.75 18.40
N LYS A 103 11.05 -2.35 19.61
CA LYS A 103 10.24 -3.24 20.42
C LYS A 103 8.92 -3.63 19.78
N GLU A 104 8.22 -2.67 19.16
CA GLU A 104 6.94 -2.97 18.49
C GLU A 104 7.13 -3.98 17.37
N PHE A 105 8.18 -3.77 16.56
CA PHE A 105 8.47 -4.65 15.46
C PHE A 105 8.75 -6.06 16.02
N ILE A 106 9.66 -6.16 17.00
CA ILE A 106 10.00 -7.48 17.51
C ILE A 106 8.80 -8.22 18.07
N TYR A 107 7.97 -7.50 18.81
CA TYR A 107 6.78 -8.10 19.39
C TYR A 107 5.76 -8.53 18.33
N TYR A 108 5.35 -7.64 17.44
CA TYR A 108 4.28 -7.96 16.52
C TYR A 108 4.74 -8.77 15.33
N ALA A 109 6.01 -8.73 14.93
CA ALA A 109 6.52 -9.57 13.86
C ALA A 109 6.86 -10.94 14.45
N ASP A 110 6.91 -11.01 15.74
CA ASP A 110 7.30 -12.15 16.55
C ASP A 110 8.68 -12.67 16.13
N VAL A 111 9.64 -11.73 16.25
CA VAL A 111 11.01 -12.10 15.85
C VAL A 111 11.59 -13.06 16.86
N LYS A 112 11.92 -14.27 16.44
CA LYS A 112 12.30 -15.27 17.44
C LYS A 112 13.74 -15.11 17.89
N GLU A 113 14.59 -14.53 17.03
CA GLU A 113 15.99 -14.30 17.34
C GLU A 113 16.38 -12.85 17.17
N PRO A 114 15.88 -12.00 18.04
CA PRO A 114 15.94 -10.56 17.83
C PRO A 114 17.35 -9.97 17.82
N GLU A 115 18.22 -10.67 18.54
CA GLU A 115 19.61 -10.28 18.65
C GLU A 115 20.34 -10.40 17.30
N SER A 116 19.84 -11.22 16.39
CA SER A 116 20.45 -11.46 15.08
C SER A 116 19.68 -10.81 13.93
N PHE A 117 18.49 -10.31 14.17
CA PHE A 117 17.63 -9.82 13.10
C PHE A 117 18.20 -8.50 12.56
N PRO A 118 18.24 -8.34 11.27
CA PRO A 118 18.86 -7.12 10.73
C PRO A 118 17.95 -5.90 10.79
N PHE A 119 18.47 -4.82 11.37
CA PHE A 119 17.93 -3.50 11.37
C PHE A 119 18.94 -2.56 10.68
N VAL A 120 18.47 -1.55 10.04
CA VAL A 120 19.22 -0.44 9.46
C VAL A 120 18.59 0.84 9.99
N ILE A 121 19.39 1.79 10.42
CA ILE A 121 18.87 3.03 11.02
C ILE A 121 19.10 4.21 10.09
N LEU A 122 18.03 4.96 9.85
CA LEU A 122 18.06 6.10 8.97
C LEU A 122 17.75 7.38 9.70
N GLY A 123 18.66 8.33 9.65
CA GLY A 123 18.45 9.69 10.16
C GLY A 123 18.18 10.58 8.95
N ASN A 124 16.92 10.85 8.70
CA ASN A 124 16.53 11.58 7.51
C ASN A 124 16.45 13.09 7.66
N LYS A 125 16.34 13.79 6.56
CA LYS A 125 16.23 15.22 6.45
C LYS A 125 17.51 15.94 6.72
N ILE A 126 18.66 15.34 6.32
CA ILE A 126 19.92 16.01 6.68
C ILE A 126 20.17 17.26 5.85
N ASP A 127 19.29 17.49 4.86
CA ASP A 127 19.37 18.78 4.16
C ASP A 127 18.94 19.95 5.03
N ILE A 128 18.36 19.69 6.22
CA ILE A 128 17.93 20.76 7.12
C ILE A 128 19.10 21.07 8.06
N SER A 129 19.58 22.29 8.09
CA SER A 129 20.79 22.65 8.85
C SER A 129 20.53 22.61 10.35
N GLU A 130 19.33 23.01 10.75
CA GLU A 130 19.00 23.11 12.18
C GLU A 130 18.61 21.74 12.70
N ARG A 131 19.57 21.11 13.35
CA ARG A 131 19.32 19.74 13.83
C ARG A 131 18.97 19.69 15.30
N GLN A 132 18.25 18.66 15.69
CA GLN A 132 18.03 18.34 17.10
C GLN A 132 18.75 17.06 17.54
N VAL A 133 19.30 16.33 16.63
CA VAL A 133 20.04 15.10 16.87
C VAL A 133 21.39 15.20 16.13
N SER A 134 22.52 15.08 16.85
CA SER A 134 23.81 15.13 16.17
C SER A 134 24.16 13.77 15.57
N THR A 135 25.06 13.83 14.60
CA THR A 135 25.55 12.58 14.00
C THR A 135 26.11 11.68 15.08
N GLU A 136 26.91 12.26 15.98
CA GLU A 136 27.58 11.47 16.99
C GLU A 136 26.61 10.78 17.93
N GLU A 137 25.54 11.50 18.28
CA GLU A 137 24.52 10.91 19.18
C GLU A 137 23.83 9.77 18.46
N ALA A 138 23.53 9.89 17.17
CA ALA A 138 22.86 8.83 16.45
C ALA A 138 23.78 7.61 16.35
N GLN A 139 25.07 7.86 16.04
CA GLN A 139 25.98 6.76 15.87
C GLN A 139 26.17 5.99 17.18
N ALA A 140 26.25 6.70 18.29
CA ALA A 140 26.39 6.08 19.60
C ALA A 140 25.19 5.19 19.90
N TRP A 141 23.97 5.66 19.60
CA TRP A 141 22.77 4.84 19.84
C TRP A 141 22.88 3.57 19.01
N CYS A 142 23.26 3.68 17.74
CA CYS A 142 23.38 2.52 16.90
C CYS A 142 24.43 1.54 17.41
N ARG A 143 25.58 2.04 17.86
CA ARG A 143 26.62 1.16 18.36
C ARG A 143 26.18 0.37 19.57
N ASP A 144 25.41 1.06 20.42
CA ASP A 144 25.07 0.54 21.72
C ASP A 144 23.77 -0.25 21.77
N ASN A 145 23.04 -0.26 20.65
CA ASN A 145 21.73 -0.96 20.64
C ASN A 145 21.61 -1.99 19.54
N GLY A 146 22.73 -2.63 19.23
CA GLY A 146 22.83 -3.68 18.27
C GLY A 146 23.90 -3.55 17.21
N ASP A 147 24.59 -2.43 17.19
CA ASP A 147 25.64 -2.13 16.20
C ASP A 147 25.10 -2.17 14.80
N TYR A 148 23.99 -1.51 14.56
CA TYR A 148 23.35 -1.46 13.27
C TYR A 148 24.03 -0.43 12.36
N PRO A 149 23.97 -0.66 11.07
CA PRO A 149 24.41 0.35 10.12
C PRO A 149 23.52 1.57 10.25
N TYR A 150 24.11 2.73 10.13
CA TYR A 150 23.48 4.04 10.25
C TYR A 150 23.77 4.87 9.00
N PHE A 151 22.68 5.45 8.44
CA PHE A 151 22.78 6.33 7.32
C PHE A 151 22.10 7.67 7.59
N GLU A 152 22.79 8.75 7.29
CA GLU A 152 22.22 10.08 7.24
C GLU A 152 21.69 10.32 5.85
N THR A 153 20.40 10.49 5.71
CA THR A 153 19.73 10.51 4.44
C THR A 153 19.00 11.80 4.18
N SER A 154 18.73 12.05 2.91
CA SER A 154 17.77 13.07 2.51
C SER A 154 16.93 12.58 1.34
N ALA A 155 15.63 12.34 1.53
CA ALA A 155 14.77 12.04 0.40
C ALA A 155 14.72 13.22 -0.53
N LYS A 156 14.87 14.44 0.02
CA LYS A 156 14.70 15.63 -0.80
C LYS A 156 15.81 15.80 -1.81
N ASP A 157 17.04 15.47 -1.55
CA ASP A 157 18.23 15.63 -2.34
C ASP A 157 18.86 14.29 -2.71
N ALA A 158 18.32 13.16 -2.32
CA ALA A 158 18.70 11.80 -2.60
C ALA A 158 19.89 11.30 -1.79
N THR A 159 20.50 12.10 -0.95
CA THR A 159 21.69 11.67 -0.21
C THR A 159 21.50 10.36 0.55
N ASN A 160 22.31 9.37 0.27
CA ASN A 160 22.43 8.10 0.90
C ASN A 160 21.17 7.25 0.84
N VAL A 161 20.21 7.59 -0.01
CA VAL A 161 18.94 6.85 0.00
C VAL A 161 19.17 5.47 -0.59
N ALA A 162 19.74 5.38 -1.80
CA ALA A 162 19.95 4.07 -2.36
C ALA A 162 20.88 3.23 -1.51
N ALA A 163 21.91 3.85 -0.96
CA ALA A 163 22.86 3.13 -0.13
C ALA A 163 22.20 2.45 1.06
N ALA A 164 21.23 3.15 1.66
CA ALA A 164 20.61 2.61 2.83
C ALA A 164 19.79 1.38 2.49
N PHE A 165 19.03 1.42 1.41
CA PHE A 165 18.23 0.29 1.00
C PHE A 165 19.08 -0.87 0.48
N GLU A 166 20.20 -0.56 -0.21
CA GLU A 166 21.14 -1.58 -0.66
C GLU A 166 21.76 -2.29 0.52
N GLU A 167 22.05 -1.54 1.59
CA GLU A 167 22.60 -2.16 2.77
C GLU A 167 21.56 -3.07 3.42
N ALA A 168 20.29 -2.72 3.37
CA ALA A 168 19.29 -3.62 3.95
C ALA A 168 19.38 -5.01 3.33
N VAL A 169 19.46 -5.01 2.00
CA VAL A 169 19.53 -6.33 1.34
C VAL A 169 20.83 -7.04 1.70
N ARG A 170 21.97 -6.34 1.75
CA ARG A 170 23.19 -6.97 2.17
C ARG A 170 23.09 -7.57 3.57
N ARG A 171 22.44 -6.89 4.52
CA ARG A 171 22.31 -7.40 5.87
C ARG A 171 21.43 -8.66 5.89
N VAL A 172 20.45 -8.73 4.98
CA VAL A 172 19.64 -9.92 4.92
C VAL A 172 20.52 -11.09 4.48
N LEU A 173 21.28 -10.90 3.42
CA LEU A 173 22.19 -11.94 2.94
C LEU A 173 23.16 -12.40 4.00
N ALA A 174 23.67 -11.49 4.81
CA ALA A 174 24.63 -11.86 5.85
C ALA A 174 24.04 -12.77 6.92
N THR A 175 22.73 -12.98 6.91
CA THR A 175 22.11 -14.30 7.07
C THR A 175 21.64 -14.91 5.76
N SER B 5 -12.77 -7.60 12.23
CA SER B 5 -13.57 -7.00 13.30
C SER B 5 -14.87 -7.77 13.57
N SER B 6 -15.48 -8.45 12.66
CA SER B 6 -15.54 -8.96 11.33
C SER B 6 -14.98 -8.02 10.25
N LEU B 7 -14.02 -8.55 9.50
CA LEU B 7 -13.22 -7.84 8.51
C LEU B 7 -13.53 -8.37 7.12
N PHE B 8 -14.01 -7.51 6.26
CA PHE B 8 -14.38 -7.81 4.88
C PHE B 8 -13.30 -7.23 3.98
N LYS B 9 -12.65 -8.05 3.17
CA LYS B 9 -11.62 -7.65 2.24
C LYS B 9 -12.26 -7.40 0.88
N VAL B 10 -12.16 -6.17 0.38
CA VAL B 10 -12.70 -5.76 -0.90
C VAL B 10 -11.56 -5.28 -1.78
N ILE B 11 -11.57 -5.76 -3.00
CA ILE B 11 -10.53 -5.38 -3.94
C ILE B 11 -11.08 -4.56 -5.07
N LEU B 12 -10.43 -3.46 -5.46
CA LEU B 12 -10.82 -2.67 -6.61
C LEU B 12 -9.94 -3.04 -7.77
N LEU B 13 -10.46 -3.34 -8.92
CA LEU B 13 -9.72 -3.67 -10.14
C LEU B 13 -10.25 -2.84 -11.29
N GLY B 14 -9.42 -2.54 -12.25
CA GLY B 14 -9.83 -1.80 -13.42
C GLY B 14 -8.67 -1.07 -14.06
N ASP B 15 -8.86 -0.60 -15.27
CA ASP B 15 -7.78 0.03 -15.99
C ASP B 15 -7.20 1.20 -15.26
N GLY B 16 -5.91 1.50 -15.54
CA GLY B 16 -5.38 2.75 -15.03
C GLY B 16 -6.18 3.96 -15.45
N GLY B 17 -6.33 4.87 -14.50
CA GLY B 17 -6.97 6.15 -14.75
C GLY B 17 -8.46 6.15 -14.54
N VAL B 18 -9.08 5.01 -14.23
CA VAL B 18 -10.53 5.04 -14.12
C VAL B 18 -11.03 5.71 -12.85
N GLY B 19 -10.20 5.82 -11.84
CA GLY B 19 -10.52 6.42 -10.59
C GLY B 19 -10.49 5.57 -9.36
N LYS B 20 -9.82 4.42 -9.33
CA LYS B 20 -9.81 3.51 -8.23
C LYS B 20 -9.25 4.17 -6.98
N SER B 21 -8.08 4.79 -7.07
CA SER B 21 -7.53 5.44 -5.90
C SER B 21 -8.44 6.52 -5.38
N SER B 22 -9.01 7.28 -6.31
CA SER B 22 -9.88 8.38 -5.93
C SER B 22 -11.15 7.89 -5.28
N LEU B 23 -11.70 6.77 -5.75
CA LEU B 23 -12.89 6.23 -5.11
C LEU B 23 -12.62 5.77 -3.70
N MET B 24 -11.51 5.05 -3.53
CA MET B 24 -11.23 4.61 -2.18
C MET B 24 -10.96 5.75 -1.23
N ASN B 25 -10.20 6.74 -1.69
CA ASN B 25 -9.89 7.87 -0.85
C ASN B 25 -11.14 8.70 -0.56
N ARG B 26 -12.04 8.83 -1.53
CA ARG B 26 -13.29 9.52 -1.32
C ARG B 26 -14.13 8.83 -0.25
N TYR B 27 -14.20 7.51 -0.34
CA TYR B 27 -15.00 6.74 0.60
C TYR B 27 -14.42 6.87 2.00
N VAL B 28 -13.12 6.73 2.15
CA VAL B 28 -12.52 6.66 3.48
C VAL B 28 -12.32 8.04 4.09
N THR B 29 -11.96 9.03 3.29
CA THR B 29 -11.61 10.30 3.90
C THR B 29 -12.60 11.42 3.57
N ASN B 30 -13.53 11.17 2.67
CA ASN B 30 -14.50 12.11 2.11
C ASN B 30 -13.83 13.32 1.48
N LYS B 31 -12.71 13.06 0.82
CA LYS B 31 -11.93 14.11 0.16
C LYS B 31 -11.67 13.70 -1.28
N PHE B 32 -11.57 14.64 -2.19
CA PHE B 32 -11.16 14.41 -3.57
C PHE B 32 -10.13 15.48 -3.88
N ASP B 33 -8.93 15.08 -4.27
CA ASP B 33 -7.87 16.07 -4.43
C ASP B 33 -7.22 15.87 -5.78
N THR B 34 -7.41 16.84 -6.68
CA THR B 34 -6.85 16.75 -8.03
C THR B 34 -7.23 15.44 -8.70
N THR B 39 -1.02 6.68 -5.59
CA THR B 39 -0.10 5.65 -5.08
C THR B 39 0.54 4.90 -6.24
N ILE B 40 1.85 4.66 -6.18
CA ILE B 40 2.34 3.98 -7.40
C ILE B 40 2.45 2.50 -7.09
N GLY B 41 2.33 2.04 -5.85
CA GLY B 41 2.24 0.61 -5.59
C GLY B 41 0.94 0.16 -5.02
N VAL B 42 0.97 -1.05 -4.43
CA VAL B 42 -0.24 -1.55 -3.81
C VAL B 42 -0.55 -0.77 -2.53
N GLU B 43 -1.80 -0.44 -2.31
CA GLU B 43 -2.23 0.28 -1.13
C GLU B 43 -3.53 -0.32 -0.61
N PHE B 44 -3.70 -0.35 0.68
CA PHE B 44 -5.01 -0.71 1.23
C PHE B 44 -5.31 0.16 2.41
N LEU B 45 -6.61 0.46 2.58
CA LEU B 45 -7.22 1.31 3.60
C LEU B 45 -8.30 0.56 4.36
N ASN B 46 -8.62 0.91 5.58
CA ASN B 46 -9.67 0.40 6.40
C ASN B 46 -10.74 1.43 6.68
N LYS B 47 -11.95 0.89 6.85
CA LYS B 47 -13.13 1.72 7.13
C LYS B 47 -14.08 0.91 8.01
N ASP B 48 -14.53 1.51 9.09
CA ASP B 48 -15.56 0.97 9.95
C ASP B 48 -16.95 1.27 9.39
N LEU B 49 -17.79 0.22 9.42
CA LEU B 49 -19.20 0.44 9.06
C LEU B 49 -20.03 -0.46 9.94
N GLU B 50 -21.32 -0.54 9.67
CA GLU B 50 -22.19 -1.38 10.45
C GLU B 50 -23.23 -1.98 9.50
N VAL B 51 -23.59 -3.23 9.74
CA VAL B 51 -24.57 -3.92 8.90
C VAL B 51 -25.53 -4.66 9.81
N ASP B 52 -26.84 -4.42 9.65
CA ASP B 52 -27.82 -5.09 10.52
C ASP B 52 -27.53 -4.96 12.00
N GLY B 53 -26.97 -3.81 12.42
CA GLY B 53 -26.68 -3.59 13.80
C GLY B 53 -25.37 -4.15 14.28
N HIS B 54 -24.60 -4.79 13.41
CA HIS B 54 -23.31 -5.36 13.80
C HIS B 54 -22.14 -4.54 13.29
N PHE B 55 -21.16 -4.33 14.15
CA PHE B 55 -19.96 -3.61 13.82
C PHE B 55 -19.08 -4.46 12.89
N VAL B 56 -18.66 -3.87 11.79
CA VAL B 56 -17.80 -4.53 10.83
C VAL B 56 -16.75 -3.52 10.33
N THR B 57 -15.69 -4.09 9.77
CA THR B 57 -14.62 -3.27 9.18
C THR B 57 -14.39 -3.78 7.76
N MET B 58 -14.20 -2.87 6.83
CA MET B 58 -13.85 -3.13 5.45
C MET B 58 -12.39 -2.77 5.23
N GLN B 59 -11.65 -3.65 4.55
CA GLN B 59 -10.31 -3.35 4.13
C GLN B 59 -10.29 -3.36 2.60
N ILE B 60 -10.03 -2.19 2.04
CA ILE B 60 -10.11 -1.95 0.63
C ILE B 60 -8.73 -1.93 0.00
N TRP B 61 -8.51 -2.82 -0.95
CA TRP B 61 -7.23 -2.96 -1.63
C TRP B 61 -7.25 -2.41 -3.02
N ASP B 62 -6.26 -1.65 -3.40
CA ASP B 62 -5.99 -1.20 -4.73
C ASP B 62 -4.65 -1.83 -5.12
N THR B 63 -4.74 -2.87 -5.92
CA THR B 63 -3.56 -3.68 -6.18
C THR B 63 -2.83 -3.30 -7.44
N ALA B 64 -3.18 -2.25 -8.14
CA ALA B 64 -2.67 -2.07 -9.48
C ALA B 64 -1.16 -2.02 -9.49
N GLY B 65 -0.60 -1.07 -8.76
CA GLY B 65 0.84 -0.96 -8.72
C GLY B 65 1.59 -0.80 -10.02
N GLN B 66 2.87 -1.18 -10.00
CA GLN B 66 3.80 -1.12 -11.11
C GLN B 66 3.54 -2.25 -12.10
N GLU B 67 3.16 -2.05 -13.34
CA GLU B 67 2.93 -3.17 -14.27
C GLU B 67 4.09 -4.13 -14.38
N ARG B 68 5.36 -3.68 -14.31
CA ARG B 68 6.40 -4.69 -14.51
C ARG B 68 6.46 -5.66 -13.35
N PHE B 69 5.83 -5.28 -12.24
CA PHE B 69 5.76 -6.16 -11.08
C PHE B 69 4.40 -6.79 -10.87
N ARG B 70 3.60 -6.88 -11.93
CA ARG B 70 2.27 -7.45 -11.80
C ARG B 70 2.28 -8.82 -11.15
N SER B 71 3.25 -9.69 -11.37
CA SER B 71 3.31 -11.02 -10.79
C SER B 71 3.46 -10.98 -9.28
N LEU B 72 3.92 -9.88 -8.73
CA LEU B 72 4.07 -9.71 -7.28
C LEU B 72 2.82 -9.13 -6.67
N ARG B 73 1.86 -8.66 -7.45
CA ARG B 73 0.65 -8.09 -6.88
C ARG B 73 -0.46 -9.14 -6.78
N THR B 74 -0.52 -10.10 -7.68
CA THR B 74 -1.62 -11.07 -7.64
C THR B 74 -1.64 -11.92 -6.37
N PRO B 75 -0.57 -12.21 -5.63
CA PRO B 75 -0.81 -12.94 -4.37
C PRO B 75 -1.79 -12.26 -3.41
N PHE B 76 -1.91 -10.94 -3.55
CA PHE B 76 -2.78 -10.15 -2.68
C PHE B 76 -4.24 -10.17 -3.15
N TYR B 77 -4.53 -10.80 -4.27
CA TYR B 77 -5.94 -11.03 -4.60
C TYR B 77 -6.57 -12.04 -3.67
N ARG B 78 -5.83 -13.07 -3.23
CA ARG B 78 -6.35 -14.13 -2.40
C ARG B 78 -6.94 -13.58 -1.10
N GLY B 79 -8.05 -14.20 -0.70
CA GLY B 79 -8.72 -13.78 0.54
C GLY B 79 -9.72 -12.68 0.32
N SER B 80 -9.80 -12.12 -0.89
CA SER B 80 -10.79 -11.09 -1.16
C SER B 80 -12.17 -11.68 -1.00
N ASP B 81 -13.08 -10.94 -0.39
CA ASP B 81 -14.48 -11.32 -0.22
C ASP B 81 -15.39 -10.79 -1.30
N CYS B 82 -15.06 -9.68 -1.94
CA CYS B 82 -15.82 -9.06 -3.02
C CYS B 82 -14.86 -8.32 -3.92
N CYS B 83 -15.16 -8.26 -5.20
CA CYS B 83 -14.34 -7.54 -6.16
C CYS B 83 -15.18 -6.45 -6.81
N LEU B 84 -14.72 -5.22 -6.77
CA LEU B 84 -15.31 -4.06 -7.41
C LEU B 84 -14.57 -3.81 -8.73
N LEU B 85 -15.22 -4.16 -9.81
CA LEU B 85 -14.70 -3.93 -11.15
C LEU B 85 -15.08 -2.54 -11.60
N THR B 86 -14.08 -1.71 -11.90
CA THR B 86 -14.30 -0.31 -12.13
C THR B 86 -13.92 0.10 -13.53
N PHE B 87 -14.75 0.90 -14.18
CA PHE B 87 -14.41 1.51 -15.46
C PHE B 87 -14.77 2.99 -15.34
N SER B 88 -14.39 3.76 -16.35
CA SER B 88 -14.78 5.15 -16.42
C SER B 88 -15.76 5.34 -17.57
N VAL B 89 -16.86 6.07 -17.40
CA VAL B 89 -17.87 6.25 -18.43
C VAL B 89 -17.41 7.07 -19.62
N ASP B 90 -16.31 7.77 -19.50
CA ASP B 90 -15.67 8.44 -20.62
C ASP B 90 -14.57 7.59 -21.28
N ASP B 91 -14.47 6.30 -20.94
CA ASP B 91 -13.41 5.46 -21.51
C ASP B 91 -14.01 4.12 -21.92
N SER B 92 -14.43 4.00 -23.16
CA SER B 92 -14.97 2.79 -23.74
C SER B 92 -14.02 1.64 -23.51
N GLN B 93 -12.72 1.85 -23.72
CA GLN B 93 -11.79 0.75 -23.56
C GLN B 93 -11.81 0.19 -22.16
N SER B 94 -11.87 1.03 -21.13
CA SER B 94 -11.95 0.51 -19.76
C SER B 94 -13.20 -0.32 -19.51
N PHE B 95 -14.30 0.04 -20.16
CA PHE B 95 -15.51 -0.75 -20.05
C PHE B 95 -15.36 -2.09 -20.75
N GLN B 96 -14.80 -2.09 -21.95
CA GLN B 96 -14.60 -3.30 -22.71
C GLN B 96 -13.70 -4.29 -21.97
N ASN B 97 -12.80 -3.74 -21.17
CA ASN B 97 -11.95 -4.63 -20.37
C ASN B 97 -12.50 -5.26 -19.14
N LEU B 98 -13.76 -5.00 -18.81
CA LEU B 98 -14.25 -5.57 -17.56
C LEU B 98 -14.20 -7.10 -17.57
N SER B 99 -14.59 -7.73 -18.69
CA SER B 99 -14.57 -9.19 -18.71
C SER B 99 -13.19 -9.74 -18.41
N ASN B 100 -12.16 -9.17 -19.00
CA ASN B 100 -10.80 -9.66 -18.74
C ASN B 100 -10.33 -9.35 -17.35
N TRP B 101 -10.78 -8.26 -16.73
CA TRP B 101 -10.47 -8.08 -15.30
C TRP B 101 -11.10 -9.17 -14.44
N LYS B 102 -12.34 -9.51 -14.76
CA LYS B 102 -12.98 -10.58 -14.02
C LYS B 102 -12.21 -11.90 -14.20
N LYS B 103 -11.76 -12.18 -15.41
CA LYS B 103 -11.00 -13.40 -15.66
C LYS B 103 -9.69 -13.40 -14.90
N GLU B 104 -9.00 -12.27 -14.87
CA GLU B 104 -7.74 -12.14 -14.16
C GLU B 104 -7.94 -12.38 -12.67
N PHE B 105 -8.93 -11.74 -12.09
CA PHE B 105 -9.25 -11.94 -10.67
C PHE B 105 -9.53 -13.42 -10.40
N ILE B 106 -10.42 -14.05 -11.18
CA ILE B 106 -10.80 -15.44 -10.86
C ILE B 106 -9.59 -16.34 -10.97
N TYR B 107 -8.76 -16.11 -12.01
CA TYR B 107 -7.60 -16.99 -12.18
C TYR B 107 -6.60 -16.86 -11.04
N TYR B 108 -6.27 -15.63 -10.70
CA TYR B 108 -5.21 -15.46 -9.73
C TYR B 108 -5.67 -15.52 -8.29
N ALA B 109 -6.94 -15.29 -8.01
CA ALA B 109 -7.44 -15.28 -6.64
C ALA B 109 -7.85 -16.71 -6.34
N ASP B 110 -8.04 -17.15 -5.14
CA ASP B 110 -8.47 -18.59 -5.31
C ASP B 110 -9.30 -19.15 -4.14
N GLU B 115 -18.51 -17.04 -10.00
CA GLU B 115 -19.36 -18.29 -9.91
C GLU B 115 -20.58 -18.00 -9.05
N SER B 116 -20.40 -17.98 -7.73
CA SER B 116 -21.34 -17.26 -6.87
C SER B 116 -20.58 -16.11 -6.21
N PHE B 117 -19.29 -15.96 -6.47
CA PHE B 117 -18.50 -14.92 -5.87
C PHE B 117 -19.06 -13.55 -6.20
N PRO B 118 -19.14 -12.64 -5.23
CA PRO B 118 -19.72 -11.34 -5.50
C PRO B 118 -18.77 -10.34 -6.17
N PHE B 119 -19.26 -9.76 -7.24
CA PHE B 119 -18.72 -8.63 -7.91
C PHE B 119 -19.72 -7.47 -7.82
N VAL B 120 -19.25 -6.27 -7.76
CA VAL B 120 -19.96 -5.02 -7.91
C VAL B 120 -19.31 -4.20 -9.00
N ILE B 121 -20.06 -3.57 -9.89
CA ILE B 121 -19.52 -2.89 -11.06
C ILE B 121 -19.73 -1.39 -10.87
N LEU B 122 -18.65 -0.66 -11.04
CA LEU B 122 -18.67 0.80 -10.89
C LEU B 122 -18.37 1.47 -12.21
N GLY B 123 -19.21 2.35 -12.66
CA GLY B 123 -19.00 3.23 -13.82
C GLY B 123 -18.71 4.62 -13.27
N ASN B 124 -17.43 4.97 -13.20
CA ASN B 124 -16.97 6.18 -12.56
C ASN B 124 -16.88 7.36 -13.52
N LYS B 125 -16.82 8.55 -12.93
CA LYS B 125 -16.64 9.85 -13.56
C LYS B 125 -17.91 10.33 -14.22
N ILE B 126 -19.05 10.07 -13.60
CA ILE B 126 -20.29 10.45 -14.27
C ILE B 126 -20.56 11.96 -14.26
N ASP B 127 -19.75 12.66 -13.49
CA ASP B 127 -19.77 14.12 -13.55
C ASP B 127 -19.28 14.70 -14.87
N ILE B 128 -18.61 13.96 -15.73
CA ILE B 128 -18.10 14.43 -17.02
C ILE B 128 -19.19 14.47 -18.07
N SER B 129 -19.14 15.41 -18.99
CA SER B 129 -20.20 15.57 -19.96
C SER B 129 -20.04 14.64 -21.14
N GLU B 130 -18.82 14.36 -21.57
CA GLU B 130 -18.58 13.50 -22.73
C GLU B 130 -18.44 12.03 -22.35
N ARG B 131 -19.51 11.25 -22.53
CA ARG B 131 -19.46 9.82 -22.25
C ARG B 131 -19.22 8.93 -23.44
N GLN B 132 -18.51 7.83 -23.28
CA GLN B 132 -18.37 6.84 -24.36
C GLN B 132 -19.14 5.56 -24.09
N VAL B 133 -19.70 5.44 -22.89
CA VAL B 133 -20.46 4.29 -22.46
C VAL B 133 -21.77 4.82 -21.88
N SER B 134 -22.90 4.42 -22.47
CA SER B 134 -24.19 4.86 -21.96
C SER B 134 -24.56 4.05 -20.73
N THR B 135 -25.47 4.62 -19.93
CA THR B 135 -25.94 3.91 -18.75
C THR B 135 -26.59 2.61 -19.19
N GLU B 136 -27.39 2.65 -20.27
CA GLU B 136 -28.06 1.48 -20.75
C GLU B 136 -27.12 0.36 -21.13
N GLU B 137 -26.04 0.73 -21.83
CA GLU B 137 -25.05 -0.27 -22.21
C GLU B 137 -24.39 -0.92 -21.03
N ALA B 138 -24.05 -0.12 -19.99
CA ALA B 138 -23.44 -0.65 -18.80
C ALA B 138 -24.39 -1.57 -18.05
N GLN B 139 -25.65 -1.12 -17.91
CA GLN B 139 -26.62 -1.94 -17.25
C GLN B 139 -26.83 -3.28 -17.96
N ALA B 140 -26.85 -3.25 -19.29
CA ALA B 140 -27.01 -4.48 -20.05
C ALA B 140 -25.87 -5.46 -19.83
N TRP B 141 -24.65 -4.95 -19.82
CA TRP B 141 -23.51 -5.80 -19.61
C TRP B 141 -23.64 -6.44 -18.24
N CYS B 142 -24.00 -5.66 -17.23
CA CYS B 142 -24.08 -6.23 -15.89
C CYS B 142 -25.17 -7.29 -15.79
N ARG B 143 -26.33 -7.00 -16.41
CA ARG B 143 -27.41 -7.98 -16.36
C ARG B 143 -27.01 -9.30 -17.02
N ASP B 144 -26.25 -9.20 -18.09
CA ASP B 144 -25.97 -10.33 -18.98
C ASP B 144 -24.71 -11.08 -18.57
N ASN B 145 -23.92 -10.58 -17.64
CA ASN B 145 -22.67 -11.21 -17.23
C ASN B 145 -22.58 -11.50 -15.75
N GLY B 146 -23.71 -11.88 -15.14
CA GLY B 146 -23.76 -12.24 -13.77
C GLY B 146 -24.80 -11.52 -12.95
N ASP B 147 -25.49 -10.56 -13.53
CA ASP B 147 -26.49 -9.72 -12.89
C ASP B 147 -25.93 -9.04 -11.65
N TYR B 148 -24.76 -8.47 -11.76
CA TYR B 148 -24.13 -7.80 -10.64
C TYR B 148 -24.74 -6.44 -10.41
N PRO B 149 -24.68 -5.99 -9.17
CA PRO B 149 -25.08 -4.61 -8.89
C PRO B 149 -24.19 -3.64 -9.65
N TYR B 150 -24.77 -2.57 -10.15
CA TYR B 150 -24.12 -1.55 -10.93
C TYR B 150 -24.36 -0.18 -10.30
N PHE B 151 -23.32 0.58 -10.11
CA PHE B 151 -23.36 1.94 -9.63
C PHE B 151 -22.63 2.91 -10.57
N GLU B 152 -23.31 3.98 -10.89
CA GLU B 152 -22.71 5.12 -11.59
C GLU B 152 -22.19 6.09 -10.54
N THR B 153 -20.89 6.22 -10.47
CA THR B 153 -20.21 6.90 -9.42
C THR B 153 -19.44 8.13 -9.89
N SER B 154 -19.22 9.00 -8.91
CA SER B 154 -18.30 10.10 -9.09
C SER B 154 -17.45 10.26 -7.84
N ALA B 155 -16.16 10.00 -7.94
CA ALA B 155 -15.32 10.28 -6.77
C ALA B 155 -15.23 11.77 -6.53
N LYS B 156 -15.32 12.51 -7.64
CA LYS B 156 -15.22 13.96 -7.51
C LYS B 156 -16.37 14.55 -6.72
N ASP B 157 -17.60 14.10 -6.93
CA ASP B 157 -18.70 14.72 -6.18
C ASP B 157 -19.35 13.79 -5.18
N ALA B 158 -18.86 12.57 -5.03
CA ALA B 158 -19.19 11.57 -4.04
C ALA B 158 -20.43 10.74 -4.44
N THR B 159 -21.02 11.02 -5.58
CA THR B 159 -22.22 10.29 -6.02
C THR B 159 -22.05 8.78 -6.01
N ASN B 160 -22.89 8.11 -5.25
CA ASN B 160 -22.99 6.68 -5.08
C ASN B 160 -21.73 6.01 -4.58
N VAL B 161 -20.76 6.76 -4.10
CA VAL B 161 -19.53 6.06 -3.69
C VAL B 161 -19.77 5.23 -2.45
N ALA B 162 -20.37 5.79 -1.40
CA ALA B 162 -20.55 4.98 -0.20
C ALA B 162 -21.51 3.84 -0.48
N ALA B 163 -22.54 4.12 -1.29
CA ALA B 163 -23.53 3.11 -1.63
C ALA B 163 -22.88 1.89 -2.29
N ALA B 164 -21.89 2.09 -3.15
CA ALA B 164 -21.24 0.99 -3.82
C ALA B 164 -20.48 0.11 -2.84
N PHE B 165 -19.71 0.73 -1.95
CA PHE B 165 -18.94 -0.03 -0.98
C PHE B 165 -19.85 -0.71 0.03
N GLU B 166 -20.93 -0.02 0.41
CA GLU B 166 -21.86 -0.67 1.34
C GLU B 166 -22.54 -1.87 0.70
N GLU B 167 -22.82 -1.81 -0.60
CA GLU B 167 -23.40 -2.95 -1.33
C GLU B 167 -22.41 -4.09 -1.35
N ALA B 168 -21.12 -3.76 -1.43
CA ALA B 168 -20.15 -4.85 -1.47
C ALA B 168 -20.27 -5.70 -0.21
N VAL B 169 -20.37 -5.03 0.92
CA VAL B 169 -20.43 -5.82 2.15
C VAL B 169 -21.73 -6.62 2.21
N ARG B 170 -22.84 -6.01 1.79
CA ARG B 170 -24.11 -6.75 1.74
C ARG B 170 -23.98 -7.98 0.86
N ARG B 171 -23.30 -7.84 -0.29
CA ARG B 171 -23.20 -8.98 -1.19
C ARG B 171 -22.38 -10.12 -0.59
N VAL B 172 -21.39 -9.83 0.23
CA VAL B 172 -20.61 -10.84 0.92
C VAL B 172 -21.50 -11.61 1.88
N LEU B 173 -22.32 -10.86 2.64
CA LEU B 173 -23.31 -11.56 3.48
C LEU B 173 -24.30 -12.40 2.69
N ALA B 174 -24.73 -11.89 1.55
CA ALA B 174 -25.77 -12.57 0.80
C ALA B 174 -25.24 -13.85 0.17
N THR B 175 -23.96 -13.88 -0.17
CA THR B 175 -23.34 -14.92 -0.99
C THR B 175 -22.70 -16.04 -0.18
PB GDP C . 6.13 9.81 6.69
O1B GDP C . 4.95 10.22 7.51
O2B GDP C . 7.25 9.31 7.54
O3B GDP C . 5.80 8.92 5.52
O3A GDP C . 6.73 11.22 6.07
PA GDP C . 6.55 11.80 4.62
O1A GDP C . 7.40 11.10 3.62
O2A GDP C . 5.13 12.01 4.31
O5' GDP C . 7.25 13.22 4.78
C5' GDP C . 6.80 14.13 5.89
C4' GDP C . 7.10 15.50 5.38
O4' GDP C . 8.59 15.72 5.39
C3' GDP C . 6.65 15.85 3.92
O3' GDP C . 6.37 17.31 3.97
C2' GDP C . 7.97 15.58 3.14
O2' GDP C . 8.01 16.36 1.93
C1' GDP C . 8.99 16.03 4.10
N9 GDP C . 10.33 15.36 3.82
C8 GDP C . 10.42 13.93 3.64
N7 GDP C . 11.77 13.70 3.52
C5 GDP C . 12.41 14.87 3.62
C6 GDP C . 13.73 15.28 3.51
O6 GDP C . 14.70 14.40 3.29
N1 GDP C . 14.05 16.57 3.68
C2 GDP C . 13.08 17.45 3.96
N2 GDP C . 13.55 18.69 4.07
N3 GDP C . 11.80 17.22 4.03
C4 GDP C . 11.52 16.00 3.86
PB GDP D . -6.64 4.98 -10.85
O1B GDP D . -5.49 4.86 -11.74
O2B GDP D . -7.78 4.11 -11.34
O3B GDP D . -6.30 4.86 -9.44
O3A GDP D . -7.25 6.53 -11.04
PA GDP D . -7.08 7.82 -10.16
O1A GDP D . -7.92 7.72 -8.99
O2A GDP D . -5.57 8.14 -9.93
O5' GDP D . -7.75 8.99 -11.05
C5' GDP D . -7.27 9.21 -12.53
C4' GDP D . -7.61 10.63 -12.86
O4' GDP D . -9.02 10.67 -12.88
C3' GDP D . -7.17 11.57 -11.78
O3' GDP D . -6.93 12.87 -12.53
C2' GDP D . -8.45 11.80 -10.84
O2' GDP D . -8.57 13.11 -10.36
C1' GDP D . -9.54 11.66 -11.94
N9 GDP D . -10.78 11.27 -11.40
C8 GDP D . -10.88 10.11 -10.53
N7 GDP D . -12.28 10.01 -10.27
C5 GDP D . -12.97 11.02 -11.01
C6 GDP D . -14.31 11.35 -11.13
O6 GDP D . -15.17 10.83 -10.45
N1 GDP D . -14.57 12.39 -11.86
C2 GDP D . -13.59 13.10 -12.54
N2 GDP D . -14.01 14.12 -13.39
N3 GDP D . -12.21 12.88 -12.54
C4 GDP D . -11.97 11.84 -11.75
#